data_8P8C
#
_entry.id   8P8C
#
_cell.length_a   51.009
_cell.length_b   61.464
_cell.length_c   73.407
_cell.angle_alpha   90
_cell.angle_beta   90
_cell.angle_gamma   90
#
_symmetry.space_group_name_H-M   'P 21 21 21'
#
loop_
_entity.id
_entity.type
_entity.pdbx_description
1 polymer 'ADP-ribosyl cyclase/cyclic ADP-ribose hydrolase 1'
2 non-polymer '[[(2~{R},3~{S},4~{R},5~{R})-5-(6-aminopurin-9-yl)-3,4-bis(oxidanyl)oxolan-2-yl]methoxy-oxidanyl-phosphoryl] [(2~{R},3~{S},4~{R},5~{R})-5-[4-[4-[[4-(2-methoxyethoxy)cyclohexyl]amino]-1-methyl-2-oxidanylidene-quinolin-6-yl]pyrazol-1-yl]-3,4-bis(oxidanyl)oxolan-2-yl]methyl hydrogen phosphate'
3 water water
#
_entity_poly.entity_id   1
_entity_poly.type   'polypeptide(L)'
_entity_poly.pdbx_seq_one_letter_code
;RWRQQWSGPGTTKRFPETVLARCVKYTEIHPEMRHVDCQSVWDAFKGAFISKHPCDITEEDYQPLMKLGTQTVPCNKILL
WSRIKDLAHQFTQVQRDMFTLEDTLLGYLADDLTWCGEFATSKINYQSCPDWRKDCSNNPVSVFWKTVSRRFAEAACDVV
HVMLDGSRSKIFDKDSTFGSVEVHNLQPEKVQTLEAWVIHGGREDSRDLCQDPTIKELESIISKRNIQFSCKNIYRPDKF
LQCVKNPEDSSCTSEI
;
_entity_poly.pdbx_strand_id   A
#
loop_
_chem_comp.id
_chem_comp.type
_chem_comp.name
_chem_comp.formula
X5T non-polymer '[[(2~{R},3~{S},4~{R},5~{R})-5-(6-aminopurin-9-yl)-3,4-bis(oxidanyl)oxolan-2-yl]methoxy-oxidanyl-phosphoryl] [(2~{R},3~{S},4~{R},5~{R})-5-[4-[4-[[4-(2-methoxyethoxy)cyclohexyl]amino]-1-methyl-2-oxidanylidene-quinolin-6-yl]pyrazol-1-yl]-3,4-bis(oxidanyl)oxolan-2-yl]methyl hydrogen phosphate' 'C37 H49 N9 O16 P2'
#
# COMPACT_ATOMS: atom_id res chain seq x y z
N TRP A 2 17.41 -7.91 31.18
CA TRP A 2 16.04 -7.83 30.64
C TRP A 2 16.07 -7.52 29.16
N ARG A 3 15.20 -8.15 28.37
CA ARG A 3 15.12 -7.86 26.92
C ARG A 3 13.66 -7.66 26.58
N GLN A 4 13.31 -6.59 25.85
CA GLN A 4 11.91 -6.38 25.49
C GLN A 4 11.58 -7.27 24.30
N GLN A 5 10.43 -7.94 24.35
CA GLN A 5 10.01 -8.85 23.30
C GLN A 5 8.63 -8.51 22.80
N TRP A 6 8.50 -8.31 21.51
CA TRP A 6 7.25 -8.03 20.83
C TRP A 6 6.61 -9.34 20.28
N SER A 7 5.36 -9.25 19.83
CA SER A 7 4.62 -10.41 19.32
C SER A 7 4.91 -10.69 17.84
N GLY A 8 5.36 -9.68 17.09
CA GLY A 8 5.56 -9.85 15.66
C GLY A 8 6.91 -10.39 15.30
N PRO A 9 7.04 -10.88 14.04
CA PRO A 9 8.36 -11.34 13.60
C PRO A 9 9.35 -10.17 13.59
N GLY A 10 10.60 -10.49 13.81
CA GLY A 10 11.65 -9.47 13.85
C GLY A 10 12.00 -8.99 12.45
N THR A 11 12.93 -8.04 12.37
CA THR A 11 13.39 -7.50 11.09
C THR A 11 13.85 -8.60 10.16
N THR A 12 13.46 -8.52 8.88
CA THR A 12 13.84 -9.51 7.86
C THR A 12 15.35 -9.60 7.83
N LYS A 13 15.93 -10.82 7.87
CA LYS A 13 17.39 -10.94 7.83
C LYS A 13 17.88 -10.34 6.54
N ARG A 14 18.99 -9.59 6.61
CA ARG A 14 19.60 -8.88 5.49
C ARG A 14 18.76 -7.69 5.03
N PHE A 15 17.89 -7.16 5.90
CA PHE A 15 17.09 -6.00 5.55
C PHE A 15 17.91 -4.83 4.92
N PRO A 16 19.06 -4.40 5.50
CA PRO A 16 19.81 -3.29 4.89
C PRO A 16 20.27 -3.64 3.48
N GLU A 17 20.84 -4.84 3.27
CA GLU A 17 21.33 -5.23 1.98
C GLU A 17 20.21 -5.34 0.96
N THR A 18 19.06 -5.87 1.40
CA THR A 18 17.91 -6.05 0.53
C THR A 18 17.37 -4.71 0.07
N VAL A 19 17.20 -3.75 0.99
CA VAL A 19 16.68 -2.44 0.61
C VAL A 19 17.63 -1.74 -0.40
N LEU A 20 18.93 -1.80 -0.11
CA LEU A 20 19.92 -1.21 -1.00
CA LEU A 20 19.93 -1.21 -1.00
C LEU A 20 19.89 -1.89 -2.38
N ALA A 21 19.86 -3.21 -2.42
CA ALA A 21 19.80 -3.95 -3.69
C ALA A 21 18.54 -3.63 -4.48
N ARG A 22 17.38 -3.50 -3.78
CA ARG A 22 16.13 -3.20 -4.50
C ARG A 22 16.21 -1.78 -5.05
N CYS A 23 16.80 -0.85 -4.27
CA CYS A 23 16.96 0.53 -4.76
C CYS A 23 17.79 0.56 -6.06
N VAL A 24 18.93 -0.12 -6.04
CA VAL A 24 19.82 -0.20 -7.20
C VAL A 24 19.07 -0.86 -8.39
N LYS A 25 18.35 -1.96 -8.17
CA LYS A 25 17.62 -2.63 -9.26
C LYS A 25 16.55 -1.69 -9.84
N TYR A 26 15.81 -0.99 -8.96
CA TYR A 26 14.78 -0.07 -9.41
C TYR A 26 15.38 1.06 -10.30
N THR A 27 16.53 1.63 -9.88
CA THR A 27 17.19 2.71 -10.62
C THR A 27 17.77 2.20 -11.92
N GLU A 28 18.26 0.96 -11.97
CA GLU A 28 18.79 0.36 -13.19
C GLU A 28 17.70 0.04 -14.21
N ILE A 29 16.47 -0.22 -13.75
CA ILE A 29 15.39 -0.55 -14.69
C ILE A 29 14.56 0.68 -15.06
N HIS A 30 14.50 1.72 -14.21
CA HIS A 30 13.72 2.92 -14.53
C HIS A 30 14.64 4.07 -14.87
N PRO A 31 14.58 4.57 -16.12
CA PRO A 31 15.46 5.68 -16.52
C PRO A 31 15.25 6.98 -15.75
N GLU A 32 14.01 7.24 -15.30
CA GLU A 32 13.71 8.47 -14.58
C GLU A 32 14.27 8.52 -13.14
N MET A 33 15.15 7.57 -12.77
CA MET A 33 15.75 7.48 -11.42
C MET A 33 17.29 7.60 -11.43
N ARG A 34 17.85 8.43 -12.31
CA ARG A 34 19.31 8.63 -12.43
C ARG A 34 19.87 9.51 -11.30
N HIS A 35 19.08 10.50 -10.90
CA HIS A 35 19.38 11.43 -9.82
C HIS A 35 19.23 10.79 -8.42
N VAL A 36 18.74 9.53 -8.35
CA VAL A 36 18.54 8.88 -7.05
C VAL A 36 19.81 8.22 -6.52
N ASP A 37 20.28 8.65 -5.35
CA ASP A 37 21.45 8.05 -4.69
C ASP A 37 20.90 6.99 -3.71
N CYS A 38 21.14 5.71 -4.01
CA CYS A 38 20.58 4.65 -3.19
C CYS A 38 21.14 4.62 -1.80
N GLN A 39 22.39 5.06 -1.61
CA GLN A 39 22.93 5.14 -0.23
C GLN A 39 22.13 6.18 0.58
N SER A 40 21.76 7.34 -0.02
CA SER A 40 20.94 8.37 0.65
C SER A 40 19.54 7.85 1.00
N VAL A 41 18.94 7.05 0.09
CA VAL A 41 17.62 6.43 0.31
C VAL A 41 17.74 5.52 1.52
N TRP A 42 18.77 4.66 1.58
CA TRP A 42 18.93 3.79 2.75
C TRP A 42 19.11 4.58 4.05
N ASP A 43 19.96 5.60 4.05
CA ASP A 43 20.21 6.43 5.23
C ASP A 43 18.93 7.12 5.66
N ALA A 44 18.07 7.55 4.70
CA ALA A 44 16.82 8.22 5.07
C ALA A 44 15.84 7.17 5.68
N PHE A 45 15.83 5.95 5.11
CA PHE A 45 14.94 4.89 5.56
C PHE A 45 15.32 4.50 7.00
N LYS A 46 16.61 4.16 7.21
CA LYS A 46 17.10 3.78 8.53
C LYS A 46 16.84 4.92 9.55
N GLY A 47 17.08 6.15 9.13
CA GLY A 47 16.88 7.31 10.00
C GLY A 47 15.46 7.51 10.47
N ALA A 48 14.48 7.01 9.70
CA ALA A 48 13.08 7.16 10.09
C ALA A 48 12.79 6.36 11.38
N PHE A 49 13.51 5.22 11.63
CA PHE A 49 13.11 4.35 12.74
C PHE A 49 14.23 3.92 13.68
N ILE A 50 15.53 4.01 13.27
CA ILE A 50 16.57 3.59 14.24
C ILE A 50 16.66 4.61 15.36
N SER A 51 17.02 4.14 16.56
CA SER A 51 17.14 4.99 17.75
C SER A 51 15.80 5.51 18.29
N LYS A 52 14.69 5.04 17.73
CA LYS A 52 13.36 5.46 18.15
C LYS A 52 12.62 4.26 18.72
N HIS A 53 11.81 4.50 19.78
CA HIS A 53 10.95 3.45 20.34
C HIS A 53 9.98 2.95 19.23
N PRO A 54 9.92 1.65 18.98
CA PRO A 54 9.13 1.17 17.82
C PRO A 54 7.63 1.26 17.95
N CYS A 55 7.11 1.81 19.04
CA CYS A 55 5.68 2.07 19.20
C CYS A 55 5.35 3.56 19.21
N ASP A 56 6.32 4.41 18.90
CA ASP A 56 6.09 5.83 18.89
C ASP A 56 6.61 6.43 17.57
N ILE A 57 6.35 5.73 16.45
CA ILE A 57 6.78 6.20 15.13
C ILE A 57 5.70 7.12 14.54
N THR A 58 6.09 8.22 13.88
CA THR A 58 5.10 9.15 13.31
C THR A 58 5.26 9.26 11.81
N GLU A 59 4.23 9.76 11.08
CA GLU A 59 4.37 9.96 9.63
C GLU A 59 5.54 10.91 9.30
N GLU A 60 5.82 11.85 10.21
CA GLU A 60 6.90 12.82 10.09
C GLU A 60 8.27 12.17 10.07
N ASP A 61 8.45 11.05 10.78
CA ASP A 61 9.71 10.31 10.80
C ASP A 61 10.08 9.82 9.38
N TYR A 62 9.09 9.58 8.52
CA TYR A 62 9.31 9.11 7.14
C TYR A 62 9.40 10.23 6.10
N GLN A 63 9.29 11.52 6.53
CA GLN A 63 9.32 12.62 5.55
C GLN A 63 10.62 12.69 4.74
N PRO A 64 11.81 12.52 5.34
CA PRO A 64 13.03 12.51 4.53
C PRO A 64 13.03 11.41 3.47
N LEU A 65 12.53 10.23 3.80
CA LEU A 65 12.49 9.12 2.85
C LEU A 65 11.49 9.43 1.72
N MET A 66 10.32 10.00 2.09
CA MET A 66 9.29 10.38 1.11
C MET A 66 9.82 11.43 0.14
N LYS A 67 10.68 12.34 0.63
CA LYS A 67 11.26 13.38 -0.24
C LYS A 67 12.23 12.79 -1.25
N LEU A 68 12.96 11.73 -0.87
CA LEU A 68 13.86 11.05 -1.80
C LEU A 68 13.13 10.07 -2.73
N GLY A 69 12.05 9.48 -2.26
CA GLY A 69 11.31 8.50 -3.04
C GLY A 69 10.03 9.06 -3.60
N THR A 70 10.15 10.04 -4.50
CA THR A 70 8.97 10.69 -5.08
C THR A 70 8.14 9.72 -5.90
N GLN A 71 6.89 10.08 -6.11
CA GLN A 71 5.98 9.26 -6.89
C GLN A 71 5.86 9.91 -8.25
N THR A 72 5.98 9.10 -9.32
CA THR A 72 5.89 9.63 -10.68
C THR A 72 4.78 8.99 -11.52
N VAL A 73 4.09 7.95 -11.01
CA VAL A 73 3.06 7.28 -11.83
C VAL A 73 1.93 8.25 -12.23
N PRO A 74 1.44 8.15 -13.47
CA PRO A 74 0.37 9.06 -13.93
C PRO A 74 -0.88 8.88 -13.08
N CYS A 75 -1.41 9.98 -12.50
CA CYS A 75 -2.53 9.90 -11.55
C CYS A 75 -3.80 9.32 -12.11
N ASN A 76 -3.99 9.38 -13.42
CA ASN A 76 -5.18 8.89 -14.06
C ASN A 76 -5.13 7.38 -14.34
N LYS A 77 -4.07 6.68 -13.95
CA LYS A 77 -3.85 5.28 -14.23
C LYS A 77 -3.62 4.45 -12.96
N ILE A 78 -4.27 4.82 -11.85
CA ILE A 78 -4.05 4.14 -10.58
C ILE A 78 -5.06 3.01 -10.31
N LEU A 79 -4.52 1.87 -9.87
CA LEU A 79 -5.33 0.74 -9.47
C LEU A 79 -5.02 0.52 -7.98
N LEU A 80 -6.03 0.64 -7.17
CA LEU A 80 -5.94 0.29 -5.74
C LEU A 80 -6.48 -1.17 -5.63
N TRP A 81 -6.28 -1.81 -4.49
CA TRP A 81 -6.75 -3.20 -4.33
C TRP A 81 -6.83 -3.56 -2.88
N SER A 82 -7.56 -4.62 -2.54
CA SER A 82 -7.65 -5.06 -1.15
C SER A 82 -7.93 -6.57 -1.11
N ARG A 83 -6.93 -7.36 -0.64
CA ARG A 83 -7.00 -8.81 -0.49
C ARG A 83 -7.12 -9.57 -1.79
N ILE A 84 -6.61 -9.00 -2.89
CA ILE A 84 -6.55 -9.60 -4.25
C ILE A 84 -5.28 -9.07 -4.94
N LYS A 85 -4.16 -9.13 -4.21
CA LYS A 85 -2.89 -8.61 -4.70
C LYS A 85 -2.41 -9.24 -5.98
N ASP A 86 -2.31 -10.59 -6.03
CA ASP A 86 -1.76 -11.25 -7.19
C ASP A 86 -2.52 -10.99 -8.45
N LEU A 87 -3.85 -11.02 -8.38
CA LEU A 87 -4.64 -10.78 -9.58
C LEU A 87 -4.52 -9.31 -10.05
N ALA A 88 -4.47 -8.37 -9.10
CA ALA A 88 -4.31 -6.95 -9.42
C ALA A 88 -3.01 -6.68 -10.17
N HIS A 89 -1.87 -7.25 -9.69
CA HIS A 89 -0.57 -7.09 -10.31
C HIS A 89 -0.45 -7.84 -11.62
N GLN A 90 -1.14 -8.99 -11.75
CA GLN A 90 -1.15 -9.73 -13.02
C GLN A 90 -1.89 -8.91 -14.06
N PHE A 91 -3.00 -8.25 -13.67
CA PHE A 91 -3.75 -7.38 -14.55
C PHE A 91 -2.90 -6.18 -15.04
N THR A 92 -2.14 -5.52 -14.14
CA THR A 92 -1.34 -4.36 -14.57
C THR A 92 -0.24 -4.77 -15.58
N GLN A 93 0.39 -5.94 -15.39
CA GLN A 93 1.42 -6.42 -16.32
C GLN A 93 0.84 -6.65 -17.72
N VAL A 94 -0.46 -7.01 -17.81
CA VAL A 94 -1.18 -7.26 -19.05
C VAL A 94 -1.69 -5.96 -19.71
N GLN A 95 -2.14 -4.99 -18.91
CA GLN A 95 -2.66 -3.73 -19.47
C GLN A 95 -1.56 -2.77 -19.83
N ARG A 96 -0.46 -2.79 -19.08
CA ARG A 96 0.69 -1.91 -19.24
C ARG A 96 0.34 -0.40 -19.13
N ASP A 97 -0.92 -0.06 -18.85
CA ASP A 97 -1.32 1.33 -18.65
C ASP A 97 -2.07 1.53 -17.33
N MET A 98 -1.77 0.70 -16.30
CA MET A 98 -2.32 0.87 -14.95
C MET A 98 -1.19 0.57 -13.96
N PHE A 99 -1.17 1.27 -12.82
CA PHE A 99 -0.09 1.16 -11.86
C PHE A 99 -0.61 0.99 -10.46
N THR A 100 0.12 0.20 -9.67
CA THR A 100 -0.22 0.03 -8.26
C THR A 100 0.90 0.67 -7.43
N LEU A 101 0.70 0.75 -6.09
CA LEU A 101 1.69 1.33 -5.19
C LEU A 101 3.05 0.62 -5.31
N GLU A 102 3.03 -0.70 -5.59
CA GLU A 102 4.28 -1.47 -5.72
C GLU A 102 5.10 -1.05 -6.95
N ASP A 103 4.48 -0.30 -7.89
CA ASP A 103 5.19 0.24 -9.04
C ASP A 103 6.04 1.47 -8.66
N THR A 104 5.83 2.05 -7.45
CA THR A 104 6.62 3.20 -7.01
C THR A 104 7.92 2.71 -6.34
N LEU A 105 8.92 3.58 -6.23
CA LEU A 105 10.18 3.20 -5.57
C LEU A 105 9.93 2.74 -4.12
N LEU A 106 9.22 3.53 -3.31
CA LEU A 106 8.97 3.13 -1.90
C LEU A 106 8.12 1.86 -1.74
N GLY A 107 7.09 1.68 -2.57
CA GLY A 107 6.29 0.47 -2.55
C GLY A 107 7.15 -0.75 -2.92
N TYR A 108 8.03 -0.58 -3.89
CA TYR A 108 8.88 -1.65 -4.36
C TYR A 108 9.98 -1.96 -3.32
N LEU A 109 10.55 -0.93 -2.69
CA LEU A 109 11.59 -1.15 -1.68
C LEU A 109 11.14 -1.94 -0.48
N ALA A 110 9.95 -1.67 0.01
CA ALA A 110 9.51 -2.22 1.30
C ALA A 110 8.63 -3.46 1.24
N ASP A 111 8.15 -3.84 0.07
CA ASP A 111 7.24 -4.99 -0.01
C ASP A 111 7.78 -6.28 0.64
N ASP A 112 6.94 -6.93 1.52
CA ASP A 112 7.25 -8.21 2.16
C ASP A 112 8.44 -8.17 3.12
N LEU A 113 8.73 -6.99 3.65
CA LEU A 113 9.82 -6.82 4.58
C LEU A 113 9.25 -6.34 5.88
N THR A 114 9.97 -6.62 6.94
CA THR A 114 9.60 -6.18 8.29
C THR A 114 10.83 -5.52 8.87
N TRP A 115 10.66 -4.46 9.67
CA TRP A 115 11.82 -3.79 10.27
C TRP A 115 11.42 -3.03 11.51
N CYS A 116 12.37 -2.91 12.43
CA CYS A 116 12.18 -2.08 13.61
C CYS A 116 13.51 -1.88 14.34
N GLY A 117 13.55 -0.86 15.19
CA GLY A 117 14.73 -0.55 15.98
C GLY A 117 14.38 -0.43 17.44
N GLU A 118 15.20 0.28 18.19
CA GLU A 118 14.95 0.48 19.63
C GLU A 118 15.38 1.86 20.08
N PHE A 119 14.84 2.31 21.20
CA PHE A 119 15.18 3.64 21.71
C PHE A 119 16.68 3.79 21.99
N ALA A 120 17.25 4.93 21.58
CA ALA A 120 18.61 5.45 21.85
C ALA A 120 19.79 4.73 21.20
N THR A 121 19.58 3.55 20.57
CA THR A 121 20.71 2.85 19.93
C THR A 121 20.50 2.78 18.41
N SER A 122 21.53 2.37 17.66
CA SER A 122 21.37 2.18 16.21
C SER A 122 21.06 0.71 15.87
N LYS A 123 20.70 -0.13 16.85
CA LYS A 123 20.54 -1.55 16.59
C LYS A 123 19.21 -1.87 15.97
N ILE A 124 19.26 -2.65 14.90
CA ILE A 124 18.02 -3.07 14.26
C ILE A 124 17.59 -4.33 15.01
N ASN A 125 16.33 -4.46 15.32
CA ASN A 125 15.86 -5.63 16.11
C ASN A 125 15.53 -6.79 15.21
N TYR A 126 16.43 -7.78 15.12
CA TYR A 126 16.20 -8.99 14.33
C TYR A 126 15.40 -10.06 15.09
N GLN A 127 15.06 -9.84 16.37
CA GLN A 127 14.35 -10.86 17.15
C GLN A 127 12.88 -10.71 17.12
N SER A 128 12.39 -9.46 17.24
CA SER A 128 10.93 -9.25 17.20
C SER A 128 10.61 -7.80 16.90
N CYS A 129 9.40 -7.53 16.41
CA CYS A 129 8.92 -6.20 16.08
C CYS A 129 7.46 -6.13 16.49
N PRO A 130 6.96 -4.94 16.84
CA PRO A 130 5.57 -4.83 17.27
C PRO A 130 4.58 -5.28 16.24
N ASP A 131 3.61 -6.08 16.66
CA ASP A 131 2.51 -6.49 15.82
C ASP A 131 1.48 -5.33 15.88
N TRP A 132 0.99 -4.90 14.72
CA TRP A 132 0.01 -3.79 14.66
C TRP A 132 -1.21 -4.03 15.58
N ARG A 133 -1.73 -5.26 15.57
CA ARG A 133 -2.90 -5.61 16.35
C ARG A 133 -2.59 -5.91 17.82
N LYS A 134 -1.61 -6.76 18.07
CA LYS A 134 -1.33 -7.19 19.44
C LYS A 134 -0.47 -6.25 20.24
N ASP A 135 0.44 -5.48 19.60
CA ASP A 135 1.35 -4.62 20.33
C ASP A 135 1.07 -3.12 20.21
N CYS A 136 1.18 -2.53 19.00
CA CYS A 136 0.96 -1.10 18.83
C CYS A 136 0.79 -0.76 17.38
N SER A 137 -0.09 0.20 17.11
CA SER A 137 -0.40 0.58 15.75
C SER A 137 0.71 1.47 15.16
N ASN A 138 1.37 2.30 16.00
CA ASN A 138 2.40 3.22 15.51
C ASN A 138 3.79 2.62 15.49
N ASN A 139 3.93 1.48 14.80
CA ASN A 139 5.21 0.81 14.66
C ASN A 139 5.87 1.23 13.32
N PRO A 140 7.18 0.96 13.09
CA PRO A 140 7.82 1.44 11.88
C PRO A 140 7.17 0.95 10.61
N VAL A 141 6.73 -0.33 10.58
CA VAL A 141 6.21 -0.89 9.33
C VAL A 141 4.84 -0.30 9.02
N SER A 142 3.93 -0.36 9.98
CA SER A 142 2.55 0.07 9.73
C SER A 142 2.51 1.56 9.42
N VAL A 143 3.33 2.36 10.13
CA VAL A 143 3.40 3.78 9.89
C VAL A 143 3.90 4.09 8.48
N PHE A 144 4.87 3.31 8.03
CA PHE A 144 5.41 3.48 6.67
C PHE A 144 4.27 3.29 5.64
N TRP A 145 3.52 2.18 5.77
CA TRP A 145 2.48 1.89 4.77
C TRP A 145 1.33 2.87 4.87
N LYS A 146 1.03 3.36 6.05
CA LYS A 146 -0.01 4.35 6.26
C LYS A 146 0.38 5.64 5.56
N THR A 147 1.65 6.05 5.68
CA THR A 147 2.13 7.26 5.07
C THR A 147 2.21 7.17 3.52
N VAL A 148 2.82 6.09 3.01
CA VAL A 148 2.98 5.94 1.57
C VAL A 148 1.63 5.72 0.87
N SER A 149 0.71 4.94 1.48
CA SER A 149 -0.59 4.71 0.83
CA SER A 149 -0.60 4.72 0.83
C SER A 149 -1.44 5.99 0.86
N ARG A 150 -1.31 6.79 1.93
CA ARG A 150 -2.05 8.06 2.01
C ARG A 150 -1.54 8.99 0.87
N ARG A 151 -0.22 9.07 0.65
CA ARG A 151 0.33 9.93 -0.41
C ARG A 151 -0.13 9.43 -1.79
N PHE A 152 -0.16 8.10 -1.97
CA PHE A 152 -0.54 7.47 -3.26
C PHE A 152 -2.02 7.84 -3.57
N ALA A 153 -2.90 7.69 -2.60
CA ALA A 153 -4.33 7.99 -2.78
C ALA A 153 -4.55 9.49 -3.02
N GLU A 154 -3.83 10.36 -2.27
CA GLU A 154 -3.97 11.81 -2.42
C GLU A 154 -3.62 12.28 -3.82
N ALA A 155 -2.71 11.58 -4.48
CA ALA A 155 -2.24 11.99 -5.81
C ALA A 155 -3.20 11.56 -6.92
N ALA A 156 -4.04 10.52 -6.66
CA ALA A 156 -4.91 9.97 -7.68
C ALA A 156 -5.89 10.96 -8.29
N CYS A 157 -6.25 10.71 -9.57
CA CYS A 157 -7.12 11.62 -10.30
C CYS A 157 -7.98 10.86 -11.33
N ASP A 158 -9.01 11.51 -11.86
CA ASP A 158 -9.91 10.97 -12.87
C ASP A 158 -10.72 9.81 -12.33
N VAL A 159 -10.59 8.60 -12.89
CA VAL A 159 -11.32 7.45 -12.43
C VAL A 159 -10.32 6.61 -11.68
N VAL A 160 -10.53 6.38 -10.37
CA VAL A 160 -9.64 5.49 -9.63
C VAL A 160 -10.33 4.16 -9.58
N HIS A 161 -9.61 3.08 -9.86
CA HIS A 161 -10.20 1.75 -9.82
C HIS A 161 -9.70 1.02 -8.58
N VAL A 162 -10.55 0.16 -7.97
CA VAL A 162 -10.12 -0.68 -6.86
C VAL A 162 -10.58 -2.10 -7.15
N MET A 163 -9.65 -3.07 -7.07
CA MET A 163 -10.02 -4.45 -7.27
C MET A 163 -10.30 -5.06 -5.91
N LEU A 164 -11.41 -5.78 -5.80
CA LEU A 164 -11.80 -6.44 -4.56
C LEU A 164 -12.08 -7.91 -4.82
N ASP A 165 -11.87 -8.74 -3.81
CA ASP A 165 -12.10 -10.18 -3.88
C ASP A 165 -13.55 -10.53 -3.51
N GLY A 166 -14.34 -10.82 -4.52
CA GLY A 166 -15.75 -11.20 -4.34
C GLY A 166 -15.99 -12.51 -3.61
N SER A 167 -14.97 -13.36 -3.49
CA SER A 167 -15.13 -14.64 -2.79
C SER A 167 -14.89 -14.54 -1.27
N ARG A 168 -14.56 -13.34 -0.75
CA ARG A 168 -14.31 -13.15 0.67
C ARG A 168 -15.60 -12.94 1.45
N SER A 169 -15.57 -13.24 2.76
CA SER A 169 -16.73 -13.04 3.62
C SER A 169 -17.02 -11.53 3.74
N LYS A 170 -15.95 -10.70 3.84
CA LYS A 170 -16.11 -9.24 3.88
C LYS A 170 -15.39 -8.69 2.63
N ILE A 171 -16.11 -8.43 1.51
CA ILE A 171 -15.55 -7.95 0.23
C ILE A 171 -14.80 -6.60 0.38
N PHE A 172 -15.45 -5.63 1.01
CA PHE A 172 -14.82 -4.37 1.33
C PHE A 172 -14.68 -4.40 2.86
N ASP A 173 -13.46 -4.28 3.37
CA ASP A 173 -13.20 -4.29 4.79
C ASP A 173 -12.78 -2.91 5.15
N LYS A 174 -13.60 -2.17 5.91
CA LYS A 174 -13.23 -0.81 6.29
C LYS A 174 -11.94 -0.71 7.12
N ASP A 175 -11.43 -1.83 7.66
CA ASP A 175 -10.21 -1.86 8.46
C ASP A 175 -8.93 -2.06 7.64
N SER A 176 -9.06 -2.41 6.37
CA SER A 176 -7.90 -2.61 5.51
C SER A 176 -7.22 -1.26 5.24
N THR A 177 -6.06 -1.28 4.58
CA THR A 177 -5.40 -0.01 4.21
C THR A 177 -6.30 0.75 3.23
N PHE A 178 -6.88 0.04 2.26
CA PHE A 178 -7.78 0.67 1.31
C PHE A 178 -8.96 1.38 2.02
N GLY A 179 -9.62 0.66 2.93
CA GLY A 179 -10.80 1.14 3.67
C GLY A 179 -10.55 2.20 4.73
N SER A 180 -9.40 2.15 5.42
CA SER A 180 -9.13 3.07 6.51
C SER A 180 -8.19 4.22 6.16
N VAL A 181 -7.49 4.13 5.02
CA VAL A 181 -6.54 5.17 4.62
C VAL A 181 -6.85 5.69 3.19
N GLU A 182 -6.77 4.82 2.18
CA GLU A 182 -6.86 5.28 0.80
C GLU A 182 -8.19 5.94 0.48
N VAL A 183 -9.31 5.30 0.80
CA VAL A 183 -10.62 5.87 0.44
C VAL A 183 -10.84 7.27 1.06
N HIS A 184 -10.30 7.51 2.26
CA HIS A 184 -10.44 8.75 2.98
C HIS A 184 -9.50 9.85 2.49
N ASN A 185 -8.61 9.53 1.52
CA ASN A 185 -7.69 10.55 1.02
C ASN A 185 -7.84 10.83 -0.48
N LEU A 186 -8.87 10.25 -1.12
CA LEU A 186 -9.20 10.57 -2.50
C LEU A 186 -9.76 12.00 -2.51
N GLN A 187 -9.25 12.87 -3.40
CA GLN A 187 -9.65 14.29 -3.47
C GLN A 187 -10.73 14.50 -4.54
N PRO A 188 -11.89 15.06 -4.14
CA PRO A 188 -13.01 15.23 -5.10
C PRO A 188 -12.75 16.21 -6.24
N GLU A 189 -11.87 17.18 -6.03
CA GLU A 189 -11.53 18.10 -7.11
C GLU A 189 -10.64 17.45 -8.18
N LYS A 190 -10.02 16.28 -7.90
CA LYS A 190 -9.17 15.56 -8.84
C LYS A 190 -9.78 14.24 -9.32
N VAL A 191 -10.51 13.56 -8.43
CA VAL A 191 -11.11 12.25 -8.68
C VAL A 191 -12.58 12.40 -8.98
N GLN A 192 -13.00 12.00 -10.17
CA GLN A 192 -14.42 12.08 -10.50
C GLN A 192 -15.16 10.85 -9.97
N THR A 193 -14.55 9.67 -10.09
CA THR A 193 -15.24 8.43 -9.78
C THR A 193 -14.30 7.41 -9.18
N LEU A 194 -14.78 6.64 -8.19
CA LEU A 194 -14.07 5.47 -7.66
C LEU A 194 -14.87 4.29 -8.24
N GLU A 195 -14.25 3.46 -9.05
CA GLU A 195 -14.91 2.29 -9.63
C GLU A 195 -14.36 1.01 -9.02
N ALA A 196 -15.22 0.23 -8.34
CA ALA A 196 -14.83 -1.04 -7.74
C ALA A 196 -15.05 -2.16 -8.75
N TRP A 197 -14.09 -3.07 -8.85
CA TRP A 197 -14.19 -4.23 -9.71
C TRP A 197 -14.20 -5.40 -8.78
N VAL A 198 -15.37 -5.98 -8.60
CA VAL A 198 -15.52 -7.11 -7.69
C VAL A 198 -15.28 -8.38 -8.49
N ILE A 199 -14.15 -9.01 -8.23
CA ILE A 199 -13.73 -10.21 -8.93
C ILE A 199 -14.45 -11.48 -8.42
N HIS A 200 -15.09 -12.21 -9.33
CA HIS A 200 -15.71 -13.48 -9.01
C HIS A 200 -14.65 -14.54 -9.39
N GLY A 201 -13.58 -14.61 -8.63
CA GLY A 201 -12.47 -15.52 -8.90
C GLY A 201 -12.49 -16.84 -8.14
N GLY A 202 -13.64 -17.15 -7.55
CA GLY A 202 -13.80 -18.39 -6.83
C GLY A 202 -14.89 -19.25 -7.46
N ARG A 203 -15.27 -20.34 -6.80
CA ARG A 203 -16.32 -21.22 -7.34
C ARG A 203 -17.72 -20.92 -6.76
N GLU A 204 -17.88 -19.81 -6.04
CA GLU A 204 -19.14 -19.41 -5.42
C GLU A 204 -20.27 -19.35 -6.45
N ASP A 205 -21.52 -19.50 -5.99
CA ASP A 205 -22.71 -19.35 -6.82
C ASP A 205 -22.76 -17.87 -7.25
N SER A 206 -22.83 -17.61 -8.56
CA SER A 206 -22.79 -16.24 -9.06
C SER A 206 -23.93 -15.37 -8.58
N ARG A 207 -23.61 -14.13 -8.28
CA ARG A 207 -24.61 -13.16 -7.85
C ARG A 207 -24.07 -11.74 -8.04
N ASP A 208 -24.97 -10.77 -8.09
CA ASP A 208 -24.58 -9.38 -8.22
C ASP A 208 -23.94 -8.95 -6.92
N LEU A 209 -22.61 -9.00 -6.83
CA LEU A 209 -21.88 -8.64 -5.62
C LEU A 209 -21.78 -7.12 -5.38
N CYS A 210 -22.18 -6.29 -6.34
CA CYS A 210 -22.26 -4.84 -6.12
C CYS A 210 -23.37 -4.44 -5.15
N GLN A 211 -24.23 -5.40 -4.79
CA GLN A 211 -25.31 -5.26 -3.84
C GLN A 211 -24.92 -5.75 -2.43
N ASP A 212 -23.68 -6.22 -2.23
CA ASP A 212 -23.24 -6.71 -0.94
C ASP A 212 -23.25 -5.56 0.10
N PRO A 213 -23.63 -5.82 1.37
CA PRO A 213 -23.61 -4.73 2.38
C PRO A 213 -22.28 -3.98 2.52
N THR A 214 -21.12 -4.67 2.42
CA THR A 214 -19.83 -3.99 2.48
C THR A 214 -19.62 -3.07 1.26
N ILE A 215 -20.20 -3.42 0.10
CA ILE A 215 -20.08 -2.57 -1.09
C ILE A 215 -20.97 -1.32 -0.92
N LYS A 216 -22.14 -1.50 -0.26
CA LYS A 216 -23.02 -0.36 0.02
C LYS A 216 -22.37 0.59 1.02
N GLU A 217 -21.55 0.04 1.94
CA GLU A 217 -20.79 0.78 2.94
C GLU A 217 -19.67 1.57 2.24
N LEU A 218 -18.99 0.96 1.27
CA LEU A 218 -17.95 1.67 0.50
C LEU A 218 -18.61 2.79 -0.31
N GLU A 219 -19.79 2.51 -0.90
CA GLU A 219 -20.51 3.50 -1.70
C GLU A 219 -20.85 4.74 -0.83
N SER A 220 -21.28 4.49 0.40
CA SER A 220 -21.63 5.53 1.36
CA SER A 220 -21.64 5.53 1.35
C SER A 220 -20.41 6.36 1.75
N ILE A 221 -19.27 5.72 2.01
CA ILE A 221 -18.04 6.44 2.37
C ILE A 221 -17.62 7.37 1.20
N ILE A 222 -17.60 6.83 -0.01
CA ILE A 222 -17.20 7.59 -1.21
C ILE A 222 -18.19 8.70 -1.54
N SER A 223 -19.49 8.42 -1.42
CA SER A 223 -20.51 9.43 -1.69
C SER A 223 -20.42 10.63 -0.75
N LYS A 224 -20.15 10.39 0.54
CA LYS A 224 -19.99 11.48 1.49
C LYS A 224 -18.78 12.35 1.18
N ARG A 225 -17.76 11.82 0.47
CA ARG A 225 -16.59 12.61 0.03
C ARG A 225 -16.85 13.40 -1.24
N ASN A 226 -18.06 13.34 -1.80
CA ASN A 226 -18.50 14.00 -3.03
C ASN A 226 -17.76 13.47 -4.23
N ILE A 227 -17.61 12.14 -4.28
CA ILE A 227 -17.02 11.44 -5.40
C ILE A 227 -18.07 10.43 -5.86
N GLN A 228 -18.19 10.21 -7.16
CA GLN A 228 -19.14 9.23 -7.69
C GLN A 228 -18.66 7.82 -7.43
N PHE A 229 -19.59 6.90 -7.17
CA PHE A 229 -19.22 5.50 -6.96
C PHE A 229 -19.74 4.68 -8.12
N SER A 230 -18.92 3.79 -8.64
CA SER A 230 -19.36 2.87 -9.67
C SER A 230 -18.88 1.45 -9.22
N CYS A 231 -19.65 0.41 -9.54
CA CYS A 231 -19.27 -0.96 -9.17
C CYS A 231 -19.56 -1.85 -10.31
N LYS A 232 -18.63 -2.76 -10.59
CA LYS A 232 -18.81 -3.73 -11.67
C LYS A 232 -18.50 -5.11 -11.16
N ASN A 233 -19.29 -6.07 -11.58
CA ASN A 233 -19.03 -7.45 -11.30
C ASN A 233 -18.13 -7.98 -12.40
N ILE A 234 -17.01 -8.57 -12.03
CA ILE A 234 -16.11 -9.18 -13.01
C ILE A 234 -16.40 -10.63 -12.89
N TYR A 235 -17.48 -11.07 -13.54
CA TYR A 235 -17.92 -12.46 -13.49
C TYR A 235 -16.90 -13.39 -14.13
N ARG A 236 -16.24 -12.94 -15.20
CA ARG A 236 -15.26 -13.75 -15.92
C ARG A 236 -13.93 -13.05 -15.95
N PRO A 237 -13.13 -13.21 -14.87
CA PRO A 237 -11.84 -12.50 -14.76
C PRO A 237 -10.85 -12.74 -15.89
N ASP A 238 -10.73 -13.99 -16.38
CA ASP A 238 -9.80 -14.32 -17.47
C ASP A 238 -10.21 -13.59 -18.77
N LYS A 239 -11.52 -13.47 -19.01
CA LYS A 239 -12.06 -12.76 -20.17
C LYS A 239 -11.82 -11.24 -20.04
N PHE A 240 -11.95 -10.70 -18.81
CA PHE A 240 -11.72 -9.28 -18.52
C PHE A 240 -10.25 -8.90 -18.77
N LEU A 241 -9.32 -9.81 -18.49
CA LEU A 241 -7.88 -9.59 -18.71
C LEU A 241 -7.60 -9.45 -20.21
N GLN A 242 -8.27 -10.28 -21.03
CA GLN A 242 -8.11 -10.28 -22.48
C GLN A 242 -8.91 -9.14 -23.09
C1 X5T B . -6.00 3.19 11.35
C2 X5T B . -5.65 2.22 10.28
C3 X5T B . -3.63 1.53 9.03
C4 X5T B . -4.25 0.19 8.62
C5 X5T B . -3.48 -0.43 7.45
C6 X5T B . -2.01 -0.60 7.78
O8 X5T B . -5.54 -6.72 3.43
O9 X5T B . -4.59 -7.37 1.10
O10 X5T B . -3.23 -6.14 2.81
C11 X5T B . 1.51 -3.24 8.07
C12 X5T B . 3.07 -4.79 6.97
C13 X5T B . 1.46 -3.49 5.61
C16 X5T B . 0.49 -2.74 3.08
C17 X5T B . 1.56 -3.61 3.19
C20 X5T B . -0.99 -1.36 1.54
C21 X5T B . 0.58 -2.48 0.49
C22 X5T B . -2.00 -0.24 -0.45
C23 X5T B . -4.04 -1.36 -0.60
C24 X5T B . -3.76 -2.77 -0.12
C26 X5T B . -0.85 -6.28 2.87
C27 X5T B . -0.83 -6.24 5.22
C28 X5T B . -1.45 -7.57 4.79
P1 X5T B . -4.66 -6.41 2.22
C25 X5T B . -2.05 -5.85 2.07
C29 X5T B . -0.87 -7.72 3.38
O13 X5T B . 0.45 -8.27 3.45
O12 X5T B . -1.05 -8.62 5.66
N4 X5T B . -1.65 -5.51 6.17
C34 X5T B . -1.46 -5.36 7.53
N8 X5T B . -0.46 -5.84 8.27
C33 X5T B . -0.61 -5.51 9.56
N7 X5T B . -1.57 -4.75 10.13
C32 X5T B . -2.56 -4.27 9.34
N6 X5T B . -3.53 -3.55 9.90
C31 X5T B . -2.52 -4.57 7.96
N5 X5T B . -3.38 -4.27 6.92
C30 X5T B . -2.82 -4.85 5.89
O11 X5T B . -0.73 -5.46 4.05
O7 X5T B . -5.11 -5.00 1.63
P X5T B . -5.07 -3.47 2.08
O6 X5T B . -6.35 -2.83 1.61
O5 X5T B . -4.67 -3.42 3.53
O4 X5T B . -3.88 -2.85 1.32
O3 X5T B . -3.26 -0.41 0.16
C35 X5T B . -3.64 -1.12 -2.06
O14 X5T B . -4.57 -0.28 -2.72
C36 X5T B . -2.20 -0.54 -1.97
O15 X5T B . -2.08 0.68 -2.70
N2 X5T B . -1.02 -1.13 0.22
N3 X5T B . -0.08 -1.83 -0.46
C19 X5T B . 0.01 -2.27 1.77
C18 X5T B . 2.03 -4.00 4.44
N1 X5T B . 1.97 -3.82 6.88
O2 X5T B . 1.99 -3.55 9.17
C10 X5T B . 0.36 -2.37 7.96
C15 X5T B . -0.08 -2.22 4.24
C14 X5T B . 0.38 -2.59 5.50
C9 X5T B . -0.19 -2.05 6.76
N X5T B . -1.32 -1.20 6.64
C7 X5T B . -1.38 0.74 8.16
C8 X5T B . -2.15 1.38 9.32
O1 X5T B . -4.22 2.06 10.23
O X5T B . -5.27 4.39 11.07
C X5T B . -5.95 5.29 10.19
H6 X5T B . -5.70 2.79 12.32
H5 X5T B . -7.08 3.34 11.41
H8 X5T B . -6.19 1.28 10.43
H7 X5T B . -5.94 2.59 9.29
H X5T B . -3.75 2.22 8.20
H9 X5T B . -4.27 -0.48 9.48
H10 X5T B . -5.29 0.31 8.32
H11 X5T B . -3.94 -1.37 7.18
H12 X5T B . -3.60 0.20 6.56
H1 X5T B . -1.96 -1.26 8.64
H32 X5T B . -5.28 -7.11 4.31
H19 X5T B . 3.39 -4.98 8.00
H20 X5T B . 3.99 -4.45 6.47
H21 X5T B . 2.83 -5.75 6.53
H23 X5T B . 2.03 -4.03 2.30
H25 X5T B . -1.66 -0.89 2.26
H26 X5T B . 1.41 -3.14 0.24
H27 X5T B . -1.71 0.78 -0.18
H28 X5T B . -5.08 -1.13 -0.36
H29 X5T B . -4.46 -3.48 -0.56
H30 X5T B . -2.77 -3.11 -0.41
H35 X5T B . 0.04 -6.04 2.28
H36 X5T B . 0.18 -6.32 5.62
H37 X5T B . -2.53 -7.62 4.84
H34 X5T B . -2.08 -6.35 1.10
H33 X5T B . -2.07 -4.78 1.89
H39 X5T B . -1.41 -8.43 2.76
H40 X5T B . 0.82 -8.38 2.54
H38 X5T B . -1.38 -8.43 6.59
H44 X5T B . 0.17 -5.84 10.24
H43 X5T B . -3.53 -3.32 10.88
H42 X5T B . -4.29 -3.18 9.33
H41 X5T B . -3.24 -4.77 4.88
H31 X5T B . -3.83 -3.04 3.90
H45 X5T B . -3.67 -2.02 -2.67
H46 X5T B . -5.46 -0.72 -2.72
H47 X5T B . -1.48 -1.24 -2.38
H48 X5T B . -1.14 0.96 -2.62
H24 X5T B . 2.92 -4.64 4.41
H18 X5T B . -0.02 -2.08 8.92
H22 X5T B . -0.93 -1.56 4.11
H17 X5T B . -1.65 -0.90 5.75
H13 X5T B . -1.41 1.40 7.29
H14 X5T B . -0.34 0.62 8.41
H16 X5T B . -1.70 2.36 9.54
H15 X5T B . -2.00 0.83 10.25
H4 X5T B . -5.68 6.27 10.59
H3 X5T B . -7.03 5.20 10.18
H2 X5T B . -5.59 5.23 9.17
#